data_9MEF
#
_entry.id   9MEF
#
_cell.length_a   50.750
_cell.length_b   81.304
_cell.length_c   110.504
_cell.angle_alpha   90.00
_cell.angle_beta   90.00
_cell.angle_gamma   90.00
#
_symmetry.space_group_name_H-M   'P 21 21 21'
#
loop_
_entity.id
_entity.type
_entity.pdbx_description
1 polymer 'MHC class I protein'
2 polymer Beta-2-microglobulin
3 polymer ARG-ALA-ARG-ALA-ARG-ALA-ARG-ALA-ARG-ALA-ARG-ALA-PHE-PRO-LYS-LYS-LYS-TYR-CYS-LEU
4 water water
#
loop_
_entity_poly.entity_id
_entity_poly.type
_entity_poly.pdbx_seq_one_letter_code
_entity_poly.pdbx_strand_id
1 'polypeptide(L)'
;GSHSMRYFDTAMSRPGRGEPRFISVGYVDDTQFVRFDSDAASPREEPRAPWIEQEGPEYWDRNTQIFKTNTQTDRCSLRN
LRGYYNQSEAGSHTLQSMYGCDVGPDGRLLRGHNQYAYDGKDYIALNEDLRSWTAADTAAQITQRKWEAARVAEQDRAYL
EGTCVEWLRRYLENGKDTLERADPPKTHVTHHPISDHEATLRCWALGFYPAEITLTWQRDGEDQTQDTELVETRPAGDRT
FQKWAAVVVPSGEEQRYTCHVQHEGLPKPLTLRWE
;
A
2 'polypeptide(L)'
;MIQRTPKIQVYSRHPAENGKSNFLNCYVSGFHPSDIEVDLLKNGERIEKVEHSDLSFSKDWSFYLLYYTEFTPTEKDEYA
CRVNHVTLSQPKIVKWDRDM
;
B
3 'polypeptide(L)' RARARARARARAFPKKKYCL C
#
# COMPACT_ATOMS: atom_id res chain seq x y z
N GLY A 1 7.76 10.02 17.49
CA GLY A 1 7.46 10.43 16.10
C GLY A 1 5.98 10.79 15.93
N SER A 2 5.64 11.18 14.70
CA SER A 2 4.26 11.41 14.30
C SER A 2 3.69 10.08 13.83
N HIS A 3 2.37 9.99 13.95
CA HIS A 3 1.71 8.76 13.60
C HIS A 3 0.37 9.04 12.95
N SER A 4 -0.15 8.02 12.28
CA SER A 4 -1.43 8.08 11.55
C SER A 4 -2.27 6.85 11.83
N MET A 5 -3.58 7.05 11.87
CA MET A 5 -4.50 5.92 11.77
C MET A 5 -5.31 6.12 10.48
N ARG A 6 -5.42 5.10 9.65
CA ARG A 6 -6.15 5.25 8.42
C ARG A 6 -6.94 3.97 8.13
N TYR A 7 -8.21 4.12 7.73
CA TYR A 7 -8.96 3.04 7.12
C TYR A 7 -9.04 3.21 5.61
N PHE A 8 -8.87 2.09 4.90
CA PHE A 8 -8.88 2.04 3.45
C PHE A 8 -10.00 1.10 3.05
N ASP A 9 -11.07 1.61 2.50
CA ASP A 9 -12.24 0.81 2.19
C ASP A 9 -12.46 0.76 0.67
N THR A 10 -12.73 -0.44 0.18
CA THR A 10 -12.97 -0.70 -1.23
C THR A 10 -14.36 -1.35 -1.36
N ALA A 11 -15.21 -0.87 -2.26
CA ALA A 11 -16.46 -1.49 -2.63
C ALA A 11 -16.47 -1.68 -4.13
N MET A 12 -16.77 -2.90 -4.59
CA MET A 12 -16.68 -3.20 -5.99
C MET A 12 -17.90 -3.97 -6.44
N SER A 13 -18.64 -3.42 -7.41
CA SER A 13 -19.79 -4.11 -7.97
C SER A 13 -19.32 -5.17 -8.96
N ARG A 14 -20.20 -6.15 -9.17
CA ARG A 14 -19.90 -7.34 -9.96
C ARG A 14 -21.22 -7.88 -10.51
N PRO A 15 -21.89 -7.18 -11.43
CA PRO A 15 -23.21 -7.60 -11.92
C PRO A 15 -23.25 -9.06 -12.36
N GLY A 16 -24.24 -9.76 -11.81
CA GLY A 16 -24.41 -11.17 -12.13
C GLY A 16 -23.67 -12.12 -11.19
N ARG A 17 -22.84 -11.55 -10.30
CA ARG A 17 -22.04 -12.28 -9.33
C ARG A 17 -22.27 -11.80 -7.91
N GLY A 18 -23.52 -11.43 -7.60
CA GLY A 18 -23.91 -11.08 -6.25
C GLY A 18 -23.79 -9.59 -6.00
N GLU A 19 -23.94 -9.25 -4.73
CA GLU A 19 -23.91 -7.86 -4.32
C GLU A 19 -22.46 -7.41 -4.26
N PRO A 20 -22.23 -6.07 -4.29
CA PRO A 20 -20.87 -5.61 -4.28
C PRO A 20 -20.06 -6.08 -3.07
N ARG A 21 -18.81 -6.47 -3.29
CA ARG A 21 -17.91 -6.80 -2.20
C ARG A 21 -17.50 -5.51 -1.48
N PHE A 22 -17.44 -5.54 -0.14
CA PHE A 22 -16.92 -4.46 0.68
C PHE A 22 -15.80 -4.97 1.55
N ILE A 23 -14.64 -4.33 1.45
CA ILE A 23 -13.54 -4.64 2.33
C ILE A 23 -13.02 -3.33 2.94
N SER A 24 -12.77 -3.37 4.25
CA SER A 24 -12.25 -2.27 5.05
C SER A 24 -11.04 -2.77 5.81
N VAL A 25 -9.90 -2.09 5.63
CA VAL A 25 -8.69 -2.43 6.34
C VAL A 25 -8.22 -1.20 7.12
N GLY A 26 -7.83 -1.40 8.38
CA GLY A 26 -7.37 -0.30 9.23
C GLY A 26 -5.88 -0.48 9.52
N TYR A 27 -5.17 0.65 9.48
CA TYR A 27 -3.74 0.70 9.74
C TYR A 27 -3.40 1.75 10.78
N VAL A 28 -2.36 1.46 11.57
CA VAL A 28 -1.65 2.48 12.30
C VAL A 28 -0.30 2.55 11.60
N ASP A 29 0.05 3.69 11.02
CA ASP A 29 1.25 3.77 10.21
C ASP A 29 1.20 2.68 9.13
N ASP A 30 2.26 1.85 9.04
CA ASP A 30 2.35 0.78 8.07
C ASP A 30 2.01 -0.59 8.65
N THR A 31 1.30 -0.63 9.78
CA THR A 31 0.86 -1.82 10.47
C THR A 31 -0.66 -2.01 10.40
N GLN A 32 -1.11 -3.06 9.72
CA GLN A 32 -2.54 -3.38 9.66
C GLN A 32 -2.98 -3.88 11.03
N PHE A 33 -4.14 -3.44 11.52
CA PHE A 33 -4.66 -3.92 12.78
C PHE A 33 -6.06 -4.53 12.67
N VAL A 34 -6.77 -4.36 11.55
CA VAL A 34 -8.10 -4.93 11.38
C VAL A 34 -8.42 -5.10 9.90
N ARG A 35 -9.23 -6.12 9.63
CA ARG A 35 -9.81 -6.31 8.31
C ARG A 35 -11.26 -6.70 8.51
N PHE A 36 -12.12 -6.16 7.65
CA PHE A 36 -13.51 -6.60 7.53
C PHE A 36 -13.79 -6.86 6.06
N ASP A 37 -14.22 -8.08 5.70
CA ASP A 37 -14.46 -8.41 4.30
C ASP A 37 -15.86 -9.01 4.21
N SER A 38 -16.74 -8.44 3.42
CA SER A 38 -18.10 -8.94 3.32
C SER A 38 -18.12 -10.34 2.70
N ASP A 39 -17.09 -10.72 1.98
CA ASP A 39 -17.01 -12.05 1.39
C ASP A 39 -16.39 -13.09 2.34
N ALA A 40 -15.85 -12.69 3.49
CA ALA A 40 -15.24 -13.67 4.39
C ALA A 40 -16.25 -14.70 4.91
N ALA A 41 -17.36 -14.24 5.50
CA ALA A 41 -18.31 -15.12 6.20
C ALA A 41 -17.71 -15.67 7.49
N SER A 42 -16.39 -15.84 7.51
CA SER A 42 -15.68 -16.12 8.73
C SER A 42 -15.88 -14.97 9.72
N PRO A 43 -15.82 -15.30 11.03
CA PRO A 43 -16.03 -14.35 12.13
C PRO A 43 -15.74 -12.90 11.70
N ARG A 44 -16.73 -12.02 11.91
CA ARG A 44 -16.93 -10.79 11.14
C ARG A 44 -15.63 -10.02 10.84
N GLU A 45 -15.23 -9.11 11.76
CA GLU A 45 -13.97 -8.39 11.63
C GLU A 45 -12.87 -9.25 12.26
N GLU A 46 -11.72 -9.31 11.59
CA GLU A 46 -10.60 -10.12 12.05
C GLU A 46 -9.51 -9.18 12.55
N PRO A 47 -9.04 -9.32 13.82
CA PRO A 47 -7.87 -8.59 14.27
C PRO A 47 -6.70 -9.06 13.42
N ARG A 48 -5.74 -8.15 13.20
CA ARG A 48 -4.58 -8.39 12.34
C ARG A 48 -3.30 -7.99 13.09
N ALA A 49 -3.47 -7.61 14.37
CA ALA A 49 -2.40 -7.16 15.25
C ALA A 49 -2.71 -7.65 16.68
N PRO A 50 -1.68 -8.09 17.45
CA PRO A 50 -1.90 -8.63 18.80
C PRO A 50 -2.39 -7.65 19.86
N TRP A 51 -2.29 -6.34 19.57
CA TRP A 51 -2.68 -5.27 20.49
C TRP A 51 -4.07 -4.73 20.15
N ASN A 63 -16.18 -2.72 16.32
CA ASN A 63 -17.68 -2.83 16.21
C ASN A 63 -18.03 -3.40 14.85
N THR A 64 -18.36 -4.70 14.89
CA THR A 64 -18.77 -5.46 13.73
C THR A 64 -19.98 -4.79 13.09
N GLN A 65 -20.87 -4.25 13.92
CA GLN A 65 -22.09 -3.67 13.41
C GLN A 65 -21.81 -2.48 12.49
N ILE A 66 -20.90 -1.57 12.87
CA ILE A 66 -20.59 -0.43 12.01
C ILE A 66 -20.05 -0.93 10.67
N PHE A 67 -19.19 -1.94 10.66
CA PHE A 67 -18.66 -2.51 9.43
C PHE A 67 -19.78 -3.11 8.57
N LYS A 68 -20.69 -3.84 9.20
CA LYS A 68 -21.82 -4.41 8.47
C LYS A 68 -22.71 -3.32 7.86
N THR A 69 -22.98 -2.25 8.61
CA THR A 69 -23.81 -1.18 8.12
C THR A 69 -23.06 -0.44 7.00
N ASN A 70 -21.74 -0.28 7.16
CA ASN A 70 -20.91 0.38 6.14
C ASN A 70 -20.97 -0.40 4.82
N THR A 71 -21.08 -1.73 4.87
CA THR A 71 -21.25 -2.52 3.68
C THR A 71 -22.49 -2.09 2.92
N GLN A 72 -23.59 -1.97 3.64
CA GLN A 72 -24.86 -1.59 3.04
C GLN A 72 -24.81 -0.17 2.50
N THR A 73 -24.18 0.74 3.25
CA THR A 73 -24.08 2.12 2.84
C THR A 73 -23.27 2.20 1.55
N ASP A 74 -22.15 1.45 1.45
CA ASP A 74 -21.33 1.47 0.24
C ASP A 74 -22.05 0.90 -0.98
N ARG A 75 -22.91 -0.11 -0.78
CA ARG A 75 -23.74 -0.61 -1.86
C ARG A 75 -24.76 0.46 -2.27
N CYS A 76 -25.35 1.19 -1.33
CA CYS A 76 -26.25 2.31 -1.67
C CYS A 76 -25.49 3.34 -2.53
N SER A 77 -24.28 3.68 -2.08
CA SER A 77 -23.45 4.65 -2.78
C SER A 77 -23.21 4.22 -4.22
N LEU A 78 -22.81 2.96 -4.41
CA LEU A 78 -22.55 2.45 -5.73
C LEU A 78 -23.78 2.59 -6.62
N ARG A 79 -24.96 2.26 -6.12
CA ARG A 79 -26.19 2.43 -6.89
C ARG A 79 -26.32 3.90 -7.29
N ASN A 80 -26.15 4.77 -6.31
CA ASN A 80 -26.38 6.20 -6.60
C ASN A 80 -25.38 6.73 -7.62
N LEU A 81 -24.11 6.33 -7.53
CA LEU A 81 -23.07 6.77 -8.44
C LEU A 81 -23.28 6.28 -9.86
N ARG A 82 -23.78 5.06 -10.01
CA ARG A 82 -24.05 4.58 -11.34
C ARG A 82 -25.07 5.53 -11.98
N GLY A 83 -26.08 5.92 -11.21
CA GLY A 83 -27.09 6.86 -11.69
C GLY A 83 -26.49 8.24 -12.00
N TYR A 84 -25.66 8.78 -11.10
CA TYR A 84 -25.10 10.11 -11.33
C TYR A 84 -24.30 10.19 -12.61
N TYR A 85 -23.72 9.07 -13.06
CA TYR A 85 -22.88 9.02 -14.26
C TYR A 85 -23.58 8.35 -15.46
N ASN A 86 -24.89 8.08 -15.31
CA ASN A 86 -25.72 7.57 -16.40
C ASN A 86 -25.13 6.25 -16.91
N GLN A 87 -24.62 5.45 -15.97
CA GLN A 87 -23.95 4.21 -16.37
C GLN A 87 -24.95 3.07 -16.42
N SER A 88 -24.59 2.07 -17.26
CA SER A 88 -25.39 0.86 -17.42
C SER A 88 -25.22 -0.04 -16.21
N GLU A 89 -26.15 -0.98 -16.06
CA GLU A 89 -26.18 -1.92 -14.97
C GLU A 89 -25.22 -3.08 -15.21
N ALA A 90 -24.62 -3.11 -16.40
CA ALA A 90 -23.77 -4.21 -16.85
C ALA A 90 -22.33 -4.13 -16.34
N GLY A 91 -21.80 -2.92 -16.08
CA GLY A 91 -20.39 -2.81 -15.76
C GLY A 91 -20.12 -2.94 -14.25
N SER A 92 -18.87 -3.27 -13.95
CA SER A 92 -18.34 -3.30 -12.59
C SER A 92 -17.67 -1.96 -12.29
N HIS A 93 -17.95 -1.42 -11.12
CA HIS A 93 -17.43 -0.11 -10.75
C HIS A 93 -16.84 -0.23 -9.35
N THR A 94 -15.93 0.70 -9.01
CA THR A 94 -15.19 0.67 -7.77
C THR A 94 -15.41 1.98 -7.02
N LEU A 95 -15.76 1.91 -5.73
CA LEU A 95 -15.75 3.07 -4.84
C LEU A 95 -14.72 2.85 -3.73
N GLN A 96 -13.78 3.76 -3.58
CA GLN A 96 -12.79 3.71 -2.53
C GLN A 96 -12.94 4.88 -1.58
N SER A 97 -12.59 4.62 -0.30
CA SER A 97 -12.68 5.63 0.76
C SER A 97 -11.39 5.53 1.56
N MET A 98 -10.85 6.67 2.02
CA MET A 98 -9.79 6.71 3.01
C MET A 98 -10.23 7.69 4.09
N TYR A 99 -10.09 7.33 5.37
CA TYR A 99 -10.38 8.27 6.44
C TYR A 99 -9.49 7.97 7.63
N GLY A 100 -9.27 9.00 8.44
CA GLY A 100 -8.45 8.84 9.62
C GLY A 100 -7.79 10.13 10.04
N CYS A 101 -6.83 9.98 10.94
CA CYS A 101 -6.23 11.13 11.58
C CYS A 101 -4.73 10.98 11.64
N ASP A 102 -4.05 12.12 11.70
CA ASP A 102 -2.60 12.19 11.86
C ASP A 102 -2.38 12.94 13.18
N VAL A 103 -1.42 12.45 14.00
CA VAL A 103 -1.11 13.08 15.27
C VAL A 103 0.40 13.28 15.32
N GLY A 104 0.77 14.28 16.10
CA GLY A 104 2.18 14.55 16.32
C GLY A 104 2.76 13.70 17.46
N PRO A 105 4.05 13.90 17.78
CA PRO A 105 4.70 13.14 18.84
C PRO A 105 4.04 13.29 20.22
N ASP A 106 3.32 14.40 20.46
CA ASP A 106 2.59 14.63 21.69
C ASP A 106 1.16 14.11 21.64
N GLY A 107 0.75 13.48 20.54
CA GLY A 107 -0.59 12.92 20.49
C GLY A 107 -1.66 13.93 20.04
N ARG A 108 -1.26 15.17 19.72
CA ARG A 108 -2.23 16.17 19.31
C ARG A 108 -2.55 16.02 17.83
N LEU A 109 -3.81 16.32 17.51
CA LEU A 109 -4.30 16.23 16.14
C LEU A 109 -3.50 17.15 15.26
N LEU A 110 -2.99 16.61 14.16
CA LEU A 110 -2.33 17.39 13.12
C LEU A 110 -3.38 17.70 12.05
N ARG A 111 -4.06 16.65 11.56
CA ARG A 111 -5.19 16.84 10.65
C ARG A 111 -5.96 15.53 10.44
N GLY A 112 -7.22 15.70 10.03
CA GLY A 112 -8.10 14.62 9.71
C GLY A 112 -8.30 14.49 8.22
N HIS A 113 -8.80 13.31 7.81
CA HIS A 113 -9.02 12.94 6.42
C HIS A 113 -10.34 12.18 6.28
N ASN A 114 -11.07 12.47 5.19
CA ASN A 114 -12.21 11.63 4.80
C ASN A 114 -12.49 11.89 3.31
N GLN A 115 -12.06 11.00 2.43
CA GLN A 115 -12.18 11.27 1.03
C GLN A 115 -12.49 10.00 0.25
N TYR A 116 -13.00 10.20 -0.96
CA TYR A 116 -13.56 9.13 -1.78
C TYR A 116 -13.08 9.28 -3.22
N ALA A 117 -12.98 8.13 -3.89
CA ALA A 117 -12.70 8.06 -5.30
C ALA A 117 -13.65 7.08 -5.97
N TYR A 118 -14.06 7.37 -7.20
CA TYR A 118 -14.93 6.49 -7.98
C TYR A 118 -14.26 6.13 -9.29
N ASP A 119 -14.16 4.83 -9.53
CA ASP A 119 -13.43 4.31 -10.68
C ASP A 119 -12.02 4.93 -10.79
N GLY A 120 -11.36 5.07 -9.65
CA GLY A 120 -9.97 5.50 -9.62
C GLY A 120 -9.78 7.01 -9.69
N LYS A 121 -10.88 7.78 -9.74
CA LYS A 121 -10.76 9.24 -9.83
C LYS A 121 -11.25 9.85 -8.53
N ASP A 122 -10.55 10.90 -8.06
CA ASP A 122 -11.02 11.61 -6.90
C ASP A 122 -12.45 12.07 -7.13
N TYR A 123 -13.33 11.96 -6.09
CA TYR A 123 -14.73 12.28 -6.22
C TYR A 123 -15.15 13.38 -5.25
N ILE A 124 -14.95 13.17 -3.96
CA ILE A 124 -15.23 14.20 -2.95
C ILE A 124 -14.30 14.01 -1.77
N ALA A 125 -13.96 15.11 -1.10
CA ALA A 125 -13.08 15.08 0.05
C ALA A 125 -13.59 16.08 1.06
N LEU A 126 -13.43 15.72 2.30
CA LEU A 126 -13.59 16.65 3.42
C LEU A 126 -12.36 17.53 3.41
N ASN A 127 -12.61 18.85 3.53
CA ASN A 127 -11.51 19.79 3.56
C ASN A 127 -10.81 19.70 4.93
N GLU A 128 -9.59 20.26 4.97
CA GLU A 128 -8.75 20.24 6.17
C GLU A 128 -9.43 20.92 7.37
N ASP A 129 -10.32 21.87 7.10
CA ASP A 129 -11.10 22.50 8.15
C ASP A 129 -12.10 21.57 8.85
N LEU A 130 -12.38 20.43 8.25
CA LEU A 130 -13.35 19.48 8.75
C LEU A 130 -14.78 20.02 8.77
N ARG A 131 -15.08 21.00 7.90
CA ARG A 131 -16.39 21.63 7.88
C ARG A 131 -17.02 21.71 6.48
N SER A 132 -16.19 21.62 5.46
CA SER A 132 -16.59 21.87 4.07
C SER A 132 -16.06 20.74 3.17
N TRP A 133 -16.63 20.67 1.96
CA TRP A 133 -16.31 19.60 1.01
C TRP A 133 -15.73 20.18 -0.26
N THR A 134 -14.84 19.42 -0.90
CA THR A 134 -14.42 19.69 -2.25
C THR A 134 -14.96 18.58 -3.14
N ALA A 135 -15.75 18.95 -4.13
CA ALA A 135 -16.39 18.03 -5.07
C ALA A 135 -15.68 18.12 -6.42
N ALA A 136 -15.39 16.99 -7.06
CA ALA A 136 -14.60 16.99 -8.29
C ALA A 136 -15.42 17.33 -9.53
N ASP A 137 -16.74 17.13 -9.53
CA ASP A 137 -17.53 17.28 -10.75
C ASP A 137 -18.99 17.46 -10.38
N THR A 138 -19.88 17.57 -11.37
CA THR A 138 -21.29 17.81 -11.08
C THR A 138 -21.97 16.66 -10.36
N ALA A 139 -21.49 15.42 -10.54
CA ALA A 139 -22.02 14.29 -9.78
C ALA A 139 -21.67 14.45 -8.30
N ALA A 140 -20.39 14.72 -8.00
CA ALA A 140 -19.99 14.90 -6.60
C ALA A 140 -20.69 16.10 -5.98
N GLN A 141 -21.10 17.11 -6.78
CA GLN A 141 -21.85 18.23 -6.24
C GLN A 141 -23.21 17.77 -5.71
N ILE A 142 -23.80 16.75 -6.28
CA ILE A 142 -25.02 16.17 -5.75
C ILE A 142 -24.78 15.60 -4.36
N THR A 143 -23.70 14.84 -4.21
CA THR A 143 -23.33 14.29 -2.92
C THR A 143 -23.08 15.45 -1.95
N GLN A 144 -22.33 16.43 -2.41
CA GLN A 144 -22.02 17.59 -1.55
C GLN A 144 -23.29 18.23 -0.99
N ARG A 145 -24.25 18.51 -1.89
CA ARG A 145 -25.50 19.11 -1.45
C ARG A 145 -26.22 18.24 -0.44
N LYS A 146 -26.27 16.95 -0.68
CA LYS A 146 -26.93 16.01 0.23
C LYS A 146 -26.24 16.04 1.58
N TRP A 147 -24.92 16.02 1.57
CA TRP A 147 -24.18 15.96 2.82
C TRP A 147 -24.26 17.27 3.60
N GLU A 148 -24.33 18.39 2.88
CA GLU A 148 -24.50 19.72 3.50
C GLU A 148 -25.87 19.73 4.15
N ALA A 149 -26.89 19.21 3.43
CA ALA A 149 -28.25 19.25 3.97
C ALA A 149 -28.38 18.41 5.24
N ALA A 150 -27.61 17.33 5.35
CA ALA A 150 -27.74 16.45 6.49
C ALA A 150 -26.66 16.70 7.55
N ARG A 151 -25.80 17.70 7.33
CA ARG A 151 -24.79 18.09 8.32
C ARG A 151 -23.82 16.92 8.61
N VAL A 152 -23.42 16.23 7.55
CA VAL A 152 -22.55 15.07 7.64
C VAL A 152 -21.17 15.48 8.13
N ALA A 153 -20.65 16.64 7.70
CA ALA A 153 -19.30 17.04 8.09
C ALA A 153 -19.17 17.15 9.60
N GLU A 154 -20.24 17.58 10.30
CA GLU A 154 -20.18 17.69 11.75
C GLU A 154 -20.00 16.33 12.41
N GLN A 155 -20.61 15.29 11.85
CA GLN A 155 -20.49 13.93 12.36
C GLN A 155 -19.07 13.45 12.09
N ASP A 156 -18.56 13.67 10.87
CA ASP A 156 -17.20 13.26 10.52
C ASP A 156 -16.17 13.99 11.39
N ARG A 157 -16.36 15.31 11.63
CA ARG A 157 -15.42 16.07 12.44
C ARG A 157 -15.36 15.50 13.86
N ALA A 158 -16.51 15.15 14.41
CA ALA A 158 -16.60 14.59 15.75
C ALA A 158 -15.83 13.28 15.86
N TYR A 159 -15.97 12.40 14.87
CA TYR A 159 -15.21 11.17 14.81
C TYR A 159 -13.71 11.41 14.69
N LEU A 160 -13.30 12.30 13.78
CA LEU A 160 -11.88 12.44 13.52
C LEU A 160 -11.18 13.11 14.69
N GLU A 161 -11.81 14.13 15.31
CA GLU A 161 -11.18 14.86 16.41
C GLU A 161 -11.26 14.11 17.73
N GLY A 162 -12.24 13.20 17.87
CA GLY A 162 -12.59 12.54 19.12
C GLY A 162 -12.13 11.09 19.06
N THR A 163 -13.00 10.23 18.55
CA THR A 163 -12.79 8.79 18.51
C THR A 163 -11.45 8.41 17.89
N CYS A 164 -11.17 8.94 16.67
CA CYS A 164 -9.96 8.56 15.95
C CYS A 164 -8.72 8.87 16.78
N VAL A 165 -8.62 10.09 17.31
CA VAL A 165 -7.40 10.53 17.95
C VAL A 165 -7.25 9.76 19.27
N GLU A 166 -8.37 9.54 19.94
CA GLU A 166 -8.36 8.87 21.24
C GLU A 166 -7.93 7.41 21.09
N TRP A 167 -8.43 6.74 20.07
CA TRP A 167 -8.10 5.34 19.86
C TRP A 167 -6.70 5.19 19.30
N LEU A 168 -6.21 6.14 18.53
CA LEU A 168 -4.84 6.08 18.07
C LEU A 168 -3.90 6.20 19.26
N ARG A 169 -4.20 7.13 20.16
CA ARG A 169 -3.37 7.26 21.34
C ARG A 169 -3.36 5.98 22.17
N ARG A 170 -4.51 5.34 22.36
CA ARG A 170 -4.59 4.09 23.12
C ARG A 170 -3.84 2.95 22.45
N TYR A 171 -3.93 2.86 21.13
CA TYR A 171 -3.25 1.79 20.39
C TYR A 171 -1.73 1.96 20.52
N LEU A 172 -1.24 3.21 20.41
CA LEU A 172 0.19 3.49 20.43
C LEU A 172 0.75 3.10 21.79
N GLU A 173 -0.05 3.32 22.85
CA GLU A 173 0.42 3.01 24.20
C GLU A 173 0.46 1.49 24.39
N ASN A 174 -0.60 0.80 23.97
CA ASN A 174 -0.68 -0.65 24.10
C ASN A 174 0.41 -1.30 23.26
N GLY A 175 0.65 -0.77 22.07
CA GLY A 175 1.56 -1.36 21.11
C GLY A 175 2.92 -0.68 21.05
N LYS A 176 3.35 -0.04 22.14
CA LYS A 176 4.49 0.84 22.13
C LYS A 176 5.79 0.12 21.76
N ASP A 177 5.90 -1.18 22.04
CA ASP A 177 7.14 -1.89 21.74
C ASP A 177 7.32 -2.15 20.26
N THR A 178 6.25 -2.02 19.46
CA THR A 178 6.31 -2.24 18.02
C THR A 178 5.95 -0.95 17.27
N LEU A 179 4.77 -0.37 17.55
CA LEU A 179 4.31 0.78 16.78
C LEU A 179 5.21 1.99 16.94
N GLU A 180 5.82 2.16 18.13
CA GLU A 180 6.70 3.29 18.40
C GLU A 180 8.17 2.91 18.26
N ARG A 181 8.44 1.74 17.67
CA ARG A 181 9.82 1.38 17.43
C ARG A 181 10.14 1.50 15.94
N ALA A 182 11.11 2.36 15.59
CA ALA A 182 11.57 2.45 14.22
C ALA A 182 12.80 1.57 14.09
N ASP A 183 12.78 0.67 13.10
CA ASP A 183 13.84 -0.24 12.80
C ASP A 183 14.64 0.29 11.62
N PRO A 184 15.94 0.53 11.79
CA PRO A 184 16.72 1.19 10.76
C PRO A 184 16.97 0.22 9.63
N PRO A 185 17.24 0.74 8.42
CA PRO A 185 17.64 -0.14 7.35
C PRO A 185 19.03 -0.73 7.55
N LYS A 186 19.15 -1.97 7.14
CA LYS A 186 20.45 -2.58 6.88
C LYS A 186 20.82 -2.31 5.44
N THR A 187 22.04 -1.84 5.18
CA THR A 187 22.39 -1.20 3.92
C THR A 187 23.67 -1.80 3.39
N HIS A 188 23.73 -1.98 2.08
CA HIS A 188 24.95 -2.38 1.40
C HIS A 188 24.86 -1.90 -0.05
N VAL A 189 26.02 -1.90 -0.73
CA VAL A 189 26.10 -1.49 -2.12
C VAL A 189 26.65 -2.68 -2.89
N THR A 190 25.99 -3.07 -3.97
CA THR A 190 26.47 -4.08 -4.89
C THR A 190 26.91 -3.45 -6.21
N HIS A 191 27.73 -4.21 -6.94
CA HIS A 191 28.37 -3.79 -8.17
C HIS A 191 28.19 -4.90 -9.20
N HIS A 192 27.65 -4.56 -10.37
CA HIS A 192 27.40 -5.55 -11.41
C HIS A 192 27.86 -4.92 -12.72
N PRO A 193 29.00 -5.36 -13.30
CA PRO A 193 29.36 -4.95 -14.66
C PRO A 193 28.23 -5.22 -15.67
N ILE A 194 28.01 -4.29 -16.59
CA ILE A 194 27.08 -4.48 -17.68
C ILE A 194 27.86 -4.69 -18.98
N SER A 195 29.05 -4.11 -19.06
CA SER A 195 29.94 -4.18 -20.21
C SER A 195 31.35 -3.83 -19.73
N ASP A 196 32.31 -3.75 -20.66
CA ASP A 196 33.64 -3.30 -20.31
C ASP A 196 33.67 -1.84 -19.83
N HIS A 197 32.64 -1.11 -20.25
CA HIS A 197 32.64 0.34 -20.18
C HIS A 197 31.82 0.82 -18.98
N GLU A 198 30.93 -0.03 -18.43
CA GLU A 198 29.98 0.47 -17.44
C GLU A 198 29.59 -0.65 -16.48
N ALA A 199 29.09 -0.24 -15.32
CA ALA A 199 28.60 -1.16 -14.31
C ALA A 199 27.45 -0.50 -13.57
N THR A 200 26.59 -1.33 -12.97
CA THR A 200 25.52 -0.86 -12.10
C THR A 200 26.00 -0.90 -10.66
N LEU A 201 25.78 0.19 -9.93
CA LEU A 201 25.87 0.23 -8.49
C LEU A 201 24.45 0.26 -7.95
N ARG A 202 24.19 -0.59 -6.96
CA ARG A 202 22.83 -0.74 -6.44
C ARG A 202 22.97 -0.62 -4.94
N CYS A 203 22.27 0.38 -4.38
CA CYS A 203 22.24 0.67 -2.96
C CYS A 203 20.97 0.05 -2.40
N TRP A 204 21.14 -0.82 -1.39
CA TRP A 204 20.07 -1.60 -0.80
C TRP A 204 19.76 -1.10 0.59
N ALA A 205 18.48 -1.07 0.92
CA ALA A 205 17.99 -0.85 2.26
C ALA A 205 17.01 -1.97 2.60
N LEU A 206 17.30 -2.73 3.66
CA LEU A 206 16.50 -3.88 4.05
C LEU A 206 16.12 -3.80 5.51
N GLY A 207 14.95 -4.36 5.84
CA GLY A 207 14.62 -4.59 7.23
C GLY A 207 14.15 -3.36 8.01
N PHE A 208 13.66 -2.32 7.30
CA PHE A 208 13.31 -1.07 7.96
C PHE A 208 11.83 -0.96 8.22
N TYR A 209 11.49 -0.15 9.22
CA TYR A 209 10.12 0.19 9.56
C TYR A 209 10.16 1.54 10.25
N PRO A 210 9.26 2.47 9.97
CA PRO A 210 8.20 2.37 8.96
C PRO A 210 8.73 2.46 7.53
N ALA A 211 7.79 2.47 6.55
CA ALA A 211 8.18 2.37 5.15
C ALA A 211 8.84 3.62 4.59
N GLU A 212 8.54 4.79 5.14
CA GLU A 212 9.12 6.02 4.63
C GLU A 212 10.65 5.98 4.72
N ILE A 213 11.31 6.26 3.58
CA ILE A 213 12.76 6.26 3.53
C ILE A 213 13.14 7.17 2.37
N THR A 214 14.35 7.72 2.45
CA THR A 214 14.93 8.36 1.28
C THR A 214 16.25 7.68 0.94
N LEU A 215 16.36 7.27 -0.32
CA LEU A 215 17.54 6.64 -0.89
C LEU A 215 17.95 7.41 -2.15
N THR A 216 19.17 7.97 -2.16
CA THR A 216 19.60 8.72 -3.33
C THR A 216 21.04 8.36 -3.63
N TRP A 217 21.42 8.54 -4.92
CA TRP A 217 22.79 8.54 -5.37
C TRP A 217 23.21 9.97 -5.71
N GLN A 218 24.47 10.26 -5.34
CA GLN A 218 25.13 11.47 -5.80
C GLN A 218 26.39 11.09 -6.56
N ARG A 219 26.77 11.95 -7.53
CA ARG A 219 28.03 11.82 -8.25
C ARG A 219 28.80 13.12 -7.97
N ASP A 220 29.98 13.01 -7.38
CA ASP A 220 30.73 14.21 -7.01
C ASP A 220 29.80 15.17 -6.24
N GLY A 221 28.97 14.63 -5.36
CA GLY A 221 28.10 15.45 -4.51
C GLY A 221 26.89 16.09 -5.23
N GLU A 222 26.63 15.72 -6.47
CA GLU A 222 25.46 16.20 -7.20
C GLU A 222 24.42 15.08 -7.32
N ASP A 223 23.16 15.42 -7.02
CA ASP A 223 22.08 14.46 -7.14
C ASP A 223 21.94 13.94 -8.56
N GLN A 224 21.62 12.65 -8.67
CA GLN A 224 21.52 11.94 -9.92
C GLN A 224 20.08 11.47 -10.12
N THR A 225 19.14 12.37 -9.85
CA THR A 225 17.74 11.99 -9.82
C THR A 225 17.33 11.40 -11.16
N GLN A 226 17.75 12.02 -12.26
CA GLN A 226 17.28 11.60 -13.57
C GLN A 226 17.90 10.26 -13.96
N ASP A 227 19.10 9.97 -13.45
CA ASP A 227 19.83 8.80 -13.89
C ASP A 227 19.66 7.63 -12.93
N THR A 228 18.85 7.79 -11.87
CA THR A 228 18.73 6.73 -10.85
C THR A 228 17.46 5.94 -11.08
N GLU A 229 17.56 4.61 -11.05
CA GLU A 229 16.41 3.73 -11.03
C GLU A 229 16.08 3.43 -9.57
N LEU A 230 14.88 3.84 -9.13
CA LEU A 230 14.42 3.68 -7.77
C LEU A 230 13.19 2.79 -7.77
N VAL A 231 13.25 1.60 -7.17
CA VAL A 231 12.11 0.70 -7.14
C VAL A 231 11.17 1.17 -6.03
N GLU A 232 9.88 0.90 -6.20
CA GLU A 232 8.91 1.15 -5.14
C GLU A 232 9.29 0.38 -3.88
N THR A 233 9.07 1.04 -2.74
CA THR A 233 9.30 0.40 -1.45
C THR A 233 8.34 -0.78 -1.34
N ARG A 234 8.83 -1.92 -0.87
CA ARG A 234 8.10 -3.16 -0.92
C ARG A 234 8.15 -3.87 0.42
N PRO A 235 7.06 -4.55 0.80
CA PRO A 235 7.03 -5.28 2.05
C PRO A 235 7.81 -6.58 2.04
N ALA A 236 8.49 -6.85 3.14
CA ALA A 236 9.18 -8.12 3.29
C ALA A 236 8.24 -9.23 3.73
N GLY A 237 7.19 -8.91 4.48
CA GLY A 237 6.26 -9.92 5.00
C GLY A 237 6.44 -10.15 6.49
N ASP A 238 7.44 -9.52 7.10
CA ASP A 238 7.78 -9.67 8.51
C ASP A 238 7.59 -8.32 9.24
N ARG A 239 6.83 -7.43 8.64
CA ARG A 239 6.51 -6.08 9.10
C ARG A 239 7.40 -5.04 8.43
N THR A 240 8.60 -5.47 8.02
CA THR A 240 9.59 -4.54 7.51
C THR A 240 9.46 -4.33 6.02
N PHE A 241 10.24 -3.35 5.55
CA PHE A 241 10.22 -2.95 4.14
C PHE A 241 11.62 -3.02 3.55
N GLN A 242 11.67 -2.96 2.22
CA GLN A 242 12.89 -3.06 1.41
C GLN A 242 12.83 -2.03 0.29
N LYS A 243 14.00 -1.52 -0.15
CA LYS A 243 14.07 -0.64 -1.30
C LYS A 243 15.48 -0.65 -1.85
N TRP A 244 15.65 -0.38 -3.13
CA TRP A 244 16.96 -0.15 -3.68
C TRP A 244 16.90 0.97 -4.71
N ALA A 245 18.10 1.50 -4.98
CA ALA A 245 18.32 2.58 -5.92
C ALA A 245 19.59 2.23 -6.70
N ALA A 246 19.55 2.36 -8.02
CA ALA A 246 20.67 1.94 -8.86
C ALA A 246 21.06 3.03 -9.83
N VAL A 247 22.35 3.08 -10.11
CA VAL A 247 22.89 3.97 -11.12
C VAL A 247 23.90 3.21 -11.98
N VAL A 248 23.99 3.61 -13.25
CA VAL A 248 24.96 3.05 -14.16
C VAL A 248 26.14 3.99 -14.23
N VAL A 249 27.33 3.47 -13.96
CA VAL A 249 28.49 4.30 -13.80
C VAL A 249 29.58 3.82 -14.74
N PRO A 250 30.46 4.73 -15.22
CA PRO A 250 31.61 4.32 -16.04
C PRO A 250 32.61 3.53 -15.21
N SER A 251 33.15 2.46 -15.81
CA SER A 251 34.17 1.66 -15.17
C SER A 251 35.30 2.56 -14.67
N GLY A 252 35.75 2.34 -13.43
CA GLY A 252 36.83 3.18 -12.94
C GLY A 252 36.36 4.33 -12.07
N GLU A 253 35.08 4.77 -12.21
CA GLU A 253 34.60 5.99 -11.55
C GLU A 253 33.71 5.70 -10.34
N GLU A 254 33.69 4.45 -9.89
CA GLU A 254 32.79 4.03 -8.81
C GLU A 254 32.96 4.89 -7.55
N GLN A 255 34.18 5.32 -7.22
CA GLN A 255 34.36 5.99 -5.93
C GLN A 255 33.87 7.45 -5.95
N ARG A 256 33.44 7.97 -7.12
CA ARG A 256 32.83 9.28 -7.24
C ARG A 256 31.35 9.27 -6.83
N TYR A 257 30.80 8.05 -6.64
CA TYR A 257 29.39 7.92 -6.35
C TYR A 257 29.16 7.55 -4.88
N THR A 258 28.18 8.23 -4.28
CA THR A 258 27.80 7.99 -2.90
C THR A 258 26.29 7.77 -2.83
N CYS A 259 25.89 6.78 -2.01
CA CYS A 259 24.50 6.53 -1.71
C CYS A 259 24.16 7.14 -0.36
N HIS A 260 23.02 7.82 -0.29
CA HIS A 260 22.61 8.56 0.90
C HIS A 260 21.31 7.97 1.40
N VAL A 261 21.24 7.64 2.70
CA VAL A 261 20.05 7.02 3.25
C VAL A 261 19.56 7.83 4.45
N GLN A 262 18.29 8.20 4.41
CA GLN A 262 17.61 8.84 5.54
C GLN A 262 16.46 7.93 5.98
N HIS A 263 16.35 7.74 7.30
CA HIS A 263 15.30 6.93 7.91
C HIS A 263 15.19 7.27 9.39
N GLU A 264 13.95 7.30 9.91
CA GLU A 264 13.67 7.59 11.31
C GLU A 264 14.39 6.66 12.30
N GLY A 265 14.81 5.45 11.94
CA GLY A 265 15.42 4.55 12.93
C GLY A 265 16.93 4.69 12.99
N LEU A 266 17.46 5.57 12.13
CA LEU A 266 18.89 5.76 12.05
C LEU A 266 19.23 6.89 13.00
N PRO A 267 20.25 6.70 13.89
CA PRO A 267 20.74 7.80 14.73
C PRO A 267 21.22 8.96 13.86
N LYS A 268 21.91 8.64 12.75
CA LYS A 268 22.31 9.65 11.78
C LYS A 268 22.27 9.06 10.38
N PRO A 269 22.04 9.91 9.35
CA PRO A 269 22.01 9.48 7.95
C PRO A 269 23.30 8.83 7.50
N LEU A 270 23.14 7.88 6.58
CA LEU A 270 24.27 7.10 6.10
C LEU A 270 24.71 7.67 4.75
N THR A 271 26.03 7.61 4.56
CA THR A 271 26.68 7.78 3.28
C THR A 271 27.44 6.49 3.00
N LEU A 272 27.14 5.81 1.90
CA LEU A 272 27.76 4.54 1.55
C LEU A 272 28.40 4.66 0.18
N ARG A 273 29.49 3.93 -0.01
CA ARG A 273 30.08 3.72 -1.31
C ARG A 273 30.28 2.23 -1.53
N TRP A 274 30.58 1.88 -2.77
CA TRP A 274 31.00 0.53 -3.09
C TRP A 274 32.29 0.26 -2.35
N GLU A 275 32.30 -0.89 -1.66
CA GLU A 275 33.37 -1.34 -0.79
C GLU A 275 33.71 -0.23 0.22
N MET B 1 -13.23 3.85 -18.29
CA MET B 1 -12.68 4.43 -17.03
C MET B 1 -11.17 4.23 -17.00
N ILE B 2 -10.56 4.70 -15.91
CA ILE B 2 -9.12 4.67 -15.79
C ILE B 2 -8.71 3.23 -15.53
N GLN B 3 -7.70 2.76 -16.28
CA GLN B 3 -7.04 1.53 -15.92
C GLN B 3 -5.57 1.83 -15.73
N ARG B 4 -4.96 1.15 -14.77
CA ARG B 4 -3.54 1.29 -14.49
C ARG B 4 -2.95 -0.11 -14.41
N THR B 5 -1.80 -0.29 -15.08
CA THR B 5 -1.22 -1.62 -15.21
C THR B 5 -0.34 -1.88 -13.98
N PRO B 6 -0.32 -3.13 -13.47
CA PRO B 6 0.50 -3.45 -12.30
C PRO B 6 2.01 -3.34 -12.51
N LYS B 7 2.67 -2.83 -11.49
CA LYS B 7 4.11 -2.97 -11.33
C LYS B 7 4.30 -4.28 -10.58
N ILE B 8 5.37 -5.02 -10.92
CA ILE B 8 5.58 -6.33 -10.33
C ILE B 8 7.01 -6.38 -9.81
N GLN B 9 7.20 -6.83 -8.57
CA GLN B 9 8.56 -7.15 -8.07
C GLN B 9 8.52 -8.54 -7.46
N VAL B 10 9.56 -9.37 -7.73
CA VAL B 10 9.69 -10.70 -7.17
C VAL B 10 11.00 -10.78 -6.39
N TYR B 11 10.92 -11.25 -5.14
CA TYR B 11 12.05 -11.08 -4.23
C TYR B 11 11.85 -11.96 -3.02
N SER B 12 12.90 -12.10 -2.23
CA SER B 12 12.83 -12.91 -1.03
C SER B 12 12.76 -12.04 0.24
N ARG B 13 12.13 -12.61 1.26
CA ARG B 13 11.95 -11.91 2.53
C ARG B 13 13.29 -11.60 3.16
N HIS B 14 14.15 -12.62 3.20
CA HIS B 14 15.46 -12.56 3.81
C HIS B 14 16.48 -12.76 2.71
N PRO B 15 17.74 -12.34 2.91
CA PRO B 15 18.76 -12.54 1.88
C PRO B 15 18.92 -14.03 1.59
N ALA B 16 19.04 -14.37 0.30
CA ALA B 16 18.93 -15.74 -0.16
C ALA B 16 20.21 -16.50 0.12
N GLU B 17 20.04 -17.70 0.69
CA GLU B 17 21.11 -18.63 0.96
C GLU B 17 20.63 -20.02 0.52
N ASN B 18 21.31 -20.59 -0.48
CA ASN B 18 20.92 -21.91 -0.99
C ASN B 18 20.81 -22.87 0.19
N GLY B 19 19.72 -23.63 0.18
CA GLY B 19 19.46 -24.65 1.18
C GLY B 19 18.84 -24.13 2.47
N LYS B 20 18.59 -22.82 2.59
CA LYS B 20 18.02 -22.27 3.82
C LYS B 20 16.61 -21.73 3.56
N SER B 21 15.66 -22.09 4.42
CA SER B 21 14.25 -21.76 4.26
C SER B 21 14.05 -20.24 4.31
N ASN B 22 13.08 -19.75 3.52
CA ASN B 22 12.92 -18.34 3.23
C ASN B 22 11.47 -18.18 2.76
N PHE B 23 11.12 -16.96 2.34
CA PHE B 23 9.85 -16.67 1.73
C PHE B 23 10.08 -16.00 0.40
N LEU B 24 9.31 -16.46 -0.59
CA LEU B 24 9.28 -15.90 -1.92
C LEU B 24 8.07 -14.97 -2.00
N ASN B 25 8.31 -13.71 -2.39
CA ASN B 25 7.30 -12.66 -2.45
C ASN B 25 7.12 -12.26 -3.91
N CYS B 26 5.86 -11.98 -4.26
CA CYS B 26 5.51 -11.24 -5.45
C CYS B 26 4.62 -10.09 -5.04
N TYR B 27 5.13 -8.91 -5.23
CA TYR B 27 4.46 -7.68 -4.84
C TYR B 27 3.94 -6.97 -6.09
N VAL B 28 2.61 -6.81 -6.17
CA VAL B 28 1.97 -6.22 -7.31
C VAL B 28 1.33 -4.91 -6.82
N SER B 29 1.61 -3.80 -7.50
CA SER B 29 1.23 -2.50 -6.97
C SER B 29 0.89 -1.58 -8.13
N GLY B 30 0.21 -0.47 -7.82
CA GLY B 30 0.00 0.57 -8.82
C GLY B 30 -1.10 0.27 -9.82
N PHE B 31 -1.97 -0.70 -9.55
CA PHE B 31 -2.94 -1.14 -10.52
C PHE B 31 -4.37 -0.71 -10.19
N HIS B 32 -5.18 -0.66 -11.23
CA HIS B 32 -6.58 -0.30 -11.14
C HIS B 32 -7.24 -0.85 -12.39
N PRO B 33 -8.40 -1.52 -12.32
CA PRO B 33 -9.15 -1.87 -11.10
C PRO B 33 -8.49 -3.04 -10.40
N SER B 34 -9.18 -3.54 -9.36
CA SER B 34 -8.56 -4.38 -8.35
C SER B 34 -8.43 -5.84 -8.74
N ASP B 35 -9.21 -6.31 -9.73
CA ASP B 35 -9.18 -7.72 -10.08
C ASP B 35 -7.83 -8.04 -10.72
N ILE B 36 -7.15 -9.06 -10.17
CA ILE B 36 -5.80 -9.39 -10.62
C ILE B 36 -5.55 -10.86 -10.34
N GLU B 37 -4.81 -11.52 -11.22
CA GLU B 37 -4.48 -12.93 -11.00
C GLU B 37 -2.98 -13.04 -10.81
N VAL B 38 -2.56 -13.69 -9.73
CA VAL B 38 -1.15 -13.81 -9.42
C VAL B 38 -0.83 -15.26 -9.07
N ASP B 39 0.16 -15.81 -9.78
CA ASP B 39 0.69 -17.13 -9.49
C ASP B 39 2.18 -17.03 -9.21
N LEU B 40 2.63 -17.81 -8.22
CA LEU B 40 4.06 -18.05 -8.03
C LEU B 40 4.38 -19.37 -8.70
N LEU B 41 5.56 -19.41 -9.34
CA LEU B 41 5.99 -20.55 -10.15
C LEU B 41 7.33 -21.07 -9.66
N LYS B 42 7.43 -22.40 -9.55
CA LYS B 42 8.69 -23.10 -9.34
C LYS B 42 8.96 -23.98 -10.57
N ASN B 43 10.04 -23.68 -11.30
CA ASN B 43 10.38 -24.37 -12.54
C ASN B 43 9.16 -24.47 -13.45
N GLY B 44 8.44 -23.35 -13.61
CA GLY B 44 7.36 -23.27 -14.56
C GLY B 44 5.99 -23.65 -13.99
N GLU B 45 5.95 -24.31 -12.83
CA GLU B 45 4.73 -24.93 -12.33
C GLU B 45 4.15 -24.09 -11.20
N ARG B 46 2.82 -23.97 -11.17
CA ARG B 46 2.14 -23.19 -10.15
C ARG B 46 2.39 -23.79 -8.78
N ILE B 47 2.82 -22.96 -7.83
CA ILE B 47 2.92 -23.36 -6.44
C ILE B 47 1.52 -23.29 -5.81
N GLU B 48 1.14 -24.32 -5.03
CA GLU B 48 -0.16 -24.38 -4.36
C GLU B 48 -0.14 -23.69 -3.00
N LYS B 49 -1.30 -23.18 -2.57
CA LYS B 49 -1.49 -22.68 -1.21
C LYS B 49 -0.67 -21.42 -0.94
N VAL B 50 -0.43 -20.62 -1.99
CA VAL B 50 0.21 -19.32 -1.83
C VAL B 50 -0.78 -18.43 -1.10
N GLU B 51 -0.28 -17.66 -0.13
CA GLU B 51 -1.12 -16.74 0.61
C GLU B 51 -0.94 -15.33 0.06
N HIS B 52 -1.87 -14.47 0.44
CA HIS B 52 -1.76 -13.08 0.06
C HIS B 52 -2.33 -12.16 1.11
N SER B 53 -1.90 -10.90 0.96
CA SER B 53 -2.31 -9.83 1.85
C SER B 53 -3.76 -9.42 1.55
N ASP B 54 -4.36 -8.64 2.47
CA ASP B 54 -5.70 -8.07 2.29
C ASP B 54 -5.62 -6.86 1.36
N LEU B 55 -6.58 -6.77 0.44
CA LEU B 55 -6.57 -5.72 -0.55
C LEU B 55 -6.55 -4.37 0.15
N SER B 56 -5.62 -3.51 -0.31
CA SER B 56 -5.50 -2.15 0.16
C SER B 56 -4.98 -1.32 -1.01
N PHE B 57 -4.75 -0.04 -0.77
CA PHE B 57 -4.35 0.85 -1.83
C PHE B 57 -3.54 1.99 -1.23
N SER B 58 -2.81 2.64 -2.15
CA SER B 58 -1.96 3.79 -1.86
C SER B 58 -2.80 5.07 -1.89
N LYS B 59 -2.19 6.17 -1.47
CA LYS B 59 -2.94 7.40 -1.35
C LYS B 59 -3.29 7.98 -2.72
N ASP B 60 -2.70 7.47 -3.82
CA ASP B 60 -3.10 7.78 -5.19
C ASP B 60 -4.21 6.86 -5.76
N TRP B 61 -4.76 5.99 -4.89
CA TRP B 61 -5.90 5.11 -5.08
C TRP B 61 -5.50 3.83 -5.81
N SER B 62 -4.23 3.63 -6.12
CA SER B 62 -3.88 2.41 -6.84
C SER B 62 -3.71 1.26 -5.85
N PHE B 63 -4.17 0.09 -6.25
CA PHE B 63 -4.19 -1.08 -5.38
C PHE B 63 -2.82 -1.75 -5.28
N TYR B 64 -2.64 -2.50 -4.18
CA TYR B 64 -1.45 -3.31 -4.03
C TYR B 64 -1.81 -4.59 -3.27
N LEU B 65 -1.03 -5.65 -3.58
CA LEU B 65 -1.15 -6.95 -2.93
C LEU B 65 0.23 -7.59 -2.85
N LEU B 66 0.47 -8.33 -1.76
CA LEU B 66 1.64 -9.19 -1.66
C LEU B 66 1.17 -10.65 -1.65
N TYR B 67 1.76 -11.44 -2.55
CA TYR B 67 1.60 -12.89 -2.61
C TYR B 67 2.91 -13.51 -2.13
N TYR B 68 2.82 -14.60 -1.35
CA TYR B 68 4.00 -15.12 -0.66
C TYR B 68 3.82 -16.61 -0.35
N THR B 69 4.98 -17.28 -0.30
CA THR B 69 5.05 -18.70 0.01
C THR B 69 6.42 -18.99 0.61
N GLU B 70 6.49 -20.01 1.48
CA GLU B 70 7.77 -20.53 1.94
C GLU B 70 8.51 -21.17 0.77
N PHE B 71 9.83 -21.03 0.76
CA PHE B 71 10.63 -21.74 -0.22
C PHE B 71 12.05 -21.91 0.33
N THR B 72 12.73 -22.94 -0.15
CA THR B 72 14.14 -23.16 0.12
C THR B 72 14.87 -23.06 -1.21
N PRO B 73 15.52 -21.92 -1.52
CA PRO B 73 16.27 -21.76 -2.76
C PRO B 73 17.37 -22.81 -2.84
N THR B 74 17.63 -23.21 -4.09
CA THR B 74 18.75 -24.05 -4.46
C THR B 74 19.43 -23.33 -5.62
N GLU B 75 20.56 -23.84 -6.10
CA GLU B 75 21.24 -23.17 -7.20
C GLU B 75 20.49 -23.42 -8.52
N LYS B 76 19.71 -24.51 -8.61
CA LYS B 76 19.21 -24.92 -9.91
C LYS B 76 17.71 -24.68 -10.05
N ASP B 77 16.97 -24.46 -8.97
CA ASP B 77 15.55 -24.19 -9.12
C ASP B 77 15.34 -22.75 -9.59
N GLU B 78 14.38 -22.58 -10.51
CA GLU B 78 13.99 -21.29 -11.05
C GLU B 78 12.65 -20.88 -10.46
N TYR B 79 12.52 -19.61 -10.06
CA TYR B 79 11.28 -19.09 -9.51
C TYR B 79 10.84 -17.86 -10.29
N ALA B 80 9.52 -17.66 -10.32
CA ALA B 80 8.95 -16.52 -11.02
C ALA B 80 7.57 -16.24 -10.48
N CYS B 81 7.04 -15.07 -10.91
CA CYS B 81 5.69 -14.66 -10.66
C CYS B 81 4.99 -14.47 -12.00
N ARG B 82 3.73 -14.92 -12.09
CA ARG B 82 2.93 -14.70 -13.29
C ARG B 82 1.68 -13.90 -12.91
N VAL B 83 1.44 -12.83 -13.65
CA VAL B 83 0.41 -11.86 -13.32
C VAL B 83 -0.48 -11.62 -14.53
N ASN B 84 -1.80 -11.64 -14.31
CA ASN B 84 -2.67 -11.15 -15.37
C ASN B 84 -3.60 -10.08 -14.79
N HIS B 85 -4.03 -9.18 -15.68
CA HIS B 85 -4.84 -8.03 -15.32
C HIS B 85 -5.53 -7.56 -16.60
N VAL B 86 -6.64 -6.83 -16.48
CA VAL B 86 -7.37 -6.43 -17.69
C VAL B 86 -6.47 -5.62 -18.63
N THR B 87 -5.49 -4.88 -18.10
CA THR B 87 -4.57 -4.04 -18.86
C THR B 87 -3.53 -4.84 -19.64
N LEU B 88 -3.44 -6.16 -19.42
CA LEU B 88 -2.42 -6.99 -20.03
C LEU B 88 -3.07 -7.92 -21.04
N SER B 89 -2.52 -7.92 -22.27
CA SER B 89 -3.05 -8.76 -23.34
C SER B 89 -2.75 -10.24 -23.06
N GLN B 90 -1.58 -10.52 -22.49
CA GLN B 90 -1.24 -11.86 -22.02
C GLN B 90 -0.65 -11.77 -20.61
N PRO B 91 -0.62 -12.89 -19.85
CA PRO B 91 0.07 -12.92 -18.55
C PRO B 91 1.53 -12.47 -18.65
N LYS B 92 1.98 -11.70 -17.64
CA LYS B 92 3.34 -11.21 -17.59
C LYS B 92 4.10 -12.07 -16.59
N ILE B 93 5.26 -12.56 -17.00
CA ILE B 93 6.09 -13.37 -16.13
C ILE B 93 7.34 -12.58 -15.75
N VAL B 94 7.62 -12.51 -14.44
CA VAL B 94 8.83 -11.87 -13.93
C VAL B 94 9.60 -12.93 -13.15
N LYS B 95 10.85 -13.18 -13.56
CA LYS B 95 11.69 -14.18 -12.89
C LYS B 95 12.31 -13.61 -11.63
N TRP B 96 12.47 -14.49 -10.64
CA TRP B 96 13.19 -14.13 -9.43
C TRP B 96 14.68 -14.05 -9.78
N ASP B 97 15.27 -12.87 -9.55
CA ASP B 97 16.70 -12.64 -9.70
C ASP B 97 17.20 -12.17 -8.34
N ARG B 98 18.10 -12.91 -7.70
CA ARG B 98 18.41 -12.62 -6.31
C ARG B 98 19.24 -11.33 -6.19
N ASP B 99 19.51 -10.64 -7.31
CA ASP B 99 20.21 -9.37 -7.26
C ASP B 99 19.26 -8.19 -7.50
N MET B 100 17.94 -8.38 -7.31
CA MET B 100 16.97 -7.30 -7.47
C MET B 100 15.75 -7.37 -6.49
N ARG C 11 -12.12 -3.65 19.59
CA ARG C 11 -11.13 -2.56 19.83
C ARG C 11 -10.87 -1.74 18.57
N ALA C 12 -11.24 -2.25 17.36
CA ALA C 12 -11.43 -1.38 16.18
C ALA C 12 -12.69 -0.52 16.30
N PHE C 13 -12.55 0.77 15.96
CA PHE C 13 -13.66 1.72 15.99
C PHE C 13 -13.79 2.45 14.65
N PRO C 14 -14.33 1.79 13.62
CA PRO C 14 -14.52 2.44 12.33
C PRO C 14 -15.59 3.52 12.41
N LYS C 15 -15.62 4.32 11.35
CA LYS C 15 -16.54 5.43 11.26
C LYS C 15 -17.82 5.03 10.56
N LYS C 16 -18.95 5.49 11.05
CA LYS C 16 -20.21 5.38 10.33
C LYS C 16 -20.11 6.13 9.01
N LYS C 17 -20.40 5.44 7.92
CA LYS C 17 -20.42 6.07 6.61
C LYS C 17 -21.80 6.59 6.23
N TYR C 18 -21.80 7.50 5.26
CA TYR C 18 -23.00 8.10 4.74
C TYR C 18 -23.06 7.85 3.25
N CYS C 19 -24.25 7.55 2.74
CA CYS C 19 -24.46 7.23 1.34
C CYS C 19 -24.17 8.45 0.45
N LEU C 20 -23.33 8.24 -0.57
CA LEU C 20 -23.00 9.27 -1.54
C LEU C 20 -24.24 9.63 -2.38
#